data_3S2L
#
_entry.id   3S2L
#
_cell.length_a   96.871
_cell.length_b   96.871
_cell.length_c   104.760
_cell.angle_alpha   90.00
_cell.angle_beta   90.00
_cell.angle_gamma   120.00
#
_symmetry.space_group_name_H-M   'P 31 2 1'
#
loop_
_entity.id
_entity.type
_entity.pdbx_description
1 polymer dipeptidase
2 non-polymer '(2R)-2-{[(S)-[(1R)-1-amino-3-methylbutyl](hydroxy)phosphoryl]methyl}pentanedioic acid'
3 non-polymer 'ZINC ION'
4 non-polymer 1,2-ETHANEDIOL
5 water water
#
_entity_poly.entity_id   1
_entity_poly.type   'polypeptide(L)'
_entity_poly.pdbx_seq_one_letter_code
;MTSLEKARELLREFPVVDGHNDLPWALREQVRYDLDARDIAADQSAHLHTDLARLRSGGVGAQYWSVYVRSDLPGAVTAT
LEQIDCVRRLIDRHPGELRAALTAADMEAARAEGRIASLMGAEGGHSIDNSLATLRALYALGVRYMTLTHNDNNAWADSA
TDEPGVGGLSAFGREVVREMNREGMLVDLSHVAATTMRDALDTSTAPVIFSHSSSRAVCDHPRNIPDDVLERLSANGGMA
MVTFVPKFVLQAAVDWTAEADDNMRAHGFHHLDSSPEAMKVHAAFEERVPRPVATVSTVADHLDHMREVAGVDHLGIGGD
YDGTPFTPDGLGDVSGYPNLIAELLDRGWSQSDLAKLTWKNAVRVLDAAEDVSRGLRAARGPSNATIEQLDGTAAEQPEG
;
_entity_poly.pdbx_strand_id   A
#
# COMPACT_ATOMS: atom_id res chain seq x y z
N MET A 1 -0.45 31.25 -12.38
CA MET A 1 -1.29 30.62 -11.36
C MET A 1 -0.43 30.14 -10.19
N THR A 2 -1.09 29.77 -9.09
CA THR A 2 -0.37 29.28 -7.92
C THR A 2 0.10 27.85 -8.18
N SER A 3 1.01 27.36 -7.34
N SER A 3 1.01 27.36 -7.35
CA SER A 3 1.48 25.99 -7.46
CA SER A 3 1.48 25.99 -7.47
C SER A 3 0.35 24.99 -7.24
C SER A 3 0.34 25.00 -7.26
N LEU A 4 -0.59 25.36 -6.38
CA LEU A 4 -1.76 24.50 -6.13
C LEU A 4 -2.65 24.45 -7.36
N GLU A 5 -2.90 25.59 -7.99
CA GLU A 5 -3.66 25.59 -9.23
C GLU A 5 -2.97 24.77 -10.32
N LYS A 6 -1.65 24.90 -10.42
CA LYS A 6 -0.90 24.13 -11.40
C LYS A 6 -0.98 22.64 -11.09
N ALA A 7 -0.83 22.29 -9.82
CA ALA A 7 -0.93 20.90 -9.40
C ALA A 7 -2.25 20.29 -9.85
N ARG A 8 -3.35 21.02 -9.68
CA ARG A 8 -4.63 20.48 -10.09
C ARG A 8 -4.69 20.27 -11.60
N GLU A 9 -4.12 21.20 -12.36
CA GLU A 9 -4.07 21.05 -13.81
C GLU A 9 -3.27 19.82 -14.19
N LEU A 10 -2.11 19.63 -13.56
CA LEU A 10 -1.29 18.48 -13.87
C LEU A 10 -2.01 17.17 -13.57
N LEU A 11 -2.73 17.15 -12.45
CA LEU A 11 -3.44 15.94 -12.02
C LEU A 11 -4.62 15.62 -12.94
N ARG A 12 -5.18 16.64 -13.56
CA ARG A 12 -6.27 16.39 -14.50
C ARG A 12 -5.76 15.63 -15.72
N GLU A 13 -4.51 15.87 -16.11
CA GLU A 13 -3.91 15.15 -17.24
C GLU A 13 -3.36 13.79 -16.83
N PHE A 14 -2.62 13.76 -15.73
CA PHE A 14 -2.00 12.53 -15.23
C PHE A 14 -2.29 12.37 -13.75
N PRO A 15 -3.41 11.70 -13.43
CA PRO A 15 -3.87 11.62 -12.05
C PRO A 15 -3.08 10.64 -11.21
N VAL A 16 -3.37 10.64 -9.90
CA VAL A 16 -2.70 9.74 -8.98
C VAL A 16 -3.22 8.31 -9.13
N VAL A 17 -2.28 7.37 -9.24
CA VAL A 17 -2.56 5.96 -9.00
C VAL A 17 -2.11 5.71 -7.57
N ASP A 18 -3.06 5.55 -6.66
CA ASP A 18 -2.69 5.34 -5.27
C ASP A 18 -2.56 3.86 -4.97
N GLY A 19 -1.45 3.52 -4.32
CA GLY A 19 -1.10 2.14 -4.10
C GLY A 19 -1.80 1.36 -2.99
N HIS A 20 -2.47 2.05 -2.06
CA HIS A 20 -3.05 1.34 -0.92
C HIS A 20 -4.04 2.19 -0.15
N ASN A 21 -5.32 1.85 -0.25
CA ASN A 21 -6.38 2.51 0.51
C ASN A 21 -7.20 1.42 1.17
N ASP A 22 -7.40 1.53 2.49
CA ASP A 22 -8.09 0.50 3.29
C ASP A 22 -9.57 0.76 3.52
N LEU A 23 -10.21 1.48 2.60
CA LEU A 23 -11.66 1.65 2.70
C LEU A 23 -12.42 0.35 2.96
N PRO A 24 -12.07 -0.75 2.25
CA PRO A 24 -12.87 -1.95 2.50
C PRO A 24 -12.80 -2.42 3.96
N TRP A 25 -11.60 -2.43 4.56
CA TRP A 25 -11.49 -2.81 5.96
C TRP A 25 -12.26 -1.84 6.84
N ALA A 26 -12.20 -0.55 6.52
CA ALA A 26 -12.93 0.44 7.30
C ALA A 26 -14.42 0.16 7.25
N LEU A 27 -14.93 -0.20 6.07
CA LEU A 27 -16.35 -0.53 5.92
C LEU A 27 -16.72 -1.81 6.67
N ARG A 28 -15.80 -2.78 6.65
CA ARG A 28 -15.99 -4.02 7.40
C ARG A 28 -16.14 -3.73 8.89
N GLU A 29 -15.21 -2.93 9.41
CA GLU A 29 -15.16 -2.66 10.85
C GLU A 29 -16.24 -1.69 11.33
N GLN A 30 -16.50 -0.64 10.57
CA GLN A 30 -17.46 0.37 11.01
C GLN A 30 -18.91 -0.07 10.87
N VAL A 31 -19.24 -0.72 9.76
CA VAL A 31 -20.63 -1.03 9.47
C VAL A 31 -20.87 -2.44 8.91
N ARG A 32 -19.88 -3.33 9.08
CA ARG A 32 -19.94 -4.68 8.51
C ARG A 32 -20.52 -4.67 7.09
N TYR A 33 -19.97 -3.79 6.27
CA TYR A 33 -20.29 -3.73 4.85
C TYR A 33 -21.72 -3.30 4.54
N ASP A 34 -22.39 -2.65 5.48
CA ASP A 34 -23.68 -2.03 5.20
C ASP A 34 -23.38 -0.75 4.43
N LEU A 35 -23.29 -0.87 3.11
CA LEU A 35 -22.74 0.21 2.30
C LEU A 35 -23.62 1.45 2.27
N ASP A 36 -24.92 1.27 2.50
CA ASP A 36 -25.85 2.40 2.55
C ASP A 36 -25.52 3.31 3.73
N ALA A 37 -24.95 2.73 4.79
CA ALA A 37 -24.63 3.47 6.00
C ALA A 37 -23.37 4.32 5.85
N ARG A 38 -22.59 4.04 4.81
CA ARG A 38 -21.36 4.79 4.50
C ARG A 38 -21.27 5.11 3.00
N ASP A 39 -22.39 5.46 2.40
CA ASP A 39 -22.49 5.65 0.96
C ASP A 39 -21.42 6.63 0.46
N ILE A 40 -20.47 6.14 -0.33
CA ILE A 40 -19.40 7.04 -0.77
C ILE A 40 -19.83 8.01 -1.88
N ALA A 41 -21.08 7.92 -2.30
CA ALA A 41 -21.63 8.92 -3.22
C ALA A 41 -22.09 10.15 -2.43
N ALA A 42 -22.01 10.05 -1.10
CA ALA A 42 -22.29 11.16 -0.20
C ALA A 42 -21.04 11.52 0.60
N ASP A 43 -21.13 12.59 1.38
CA ASP A 43 -19.98 13.08 2.14
C ASP A 43 -19.75 12.24 3.39
N GLN A 44 -18.64 11.50 3.40
CA GLN A 44 -18.33 10.64 4.54
C GLN A 44 -17.19 11.18 5.41
N SER A 45 -16.97 12.49 5.34
N SER A 45 -16.95 12.48 5.34
CA SER A 45 -15.87 13.13 6.04
CA SER A 45 -15.82 13.07 6.04
C SER A 45 -15.85 12.85 7.54
C SER A 45 -15.85 12.90 7.57
N ALA A 46 -17.04 12.65 8.12
CA ALA A 46 -17.14 12.40 9.56
C ALA A 46 -16.60 11.04 9.99
N HIS A 47 -16.51 10.11 9.05
CA HIS A 47 -16.22 8.71 9.38
C HIS A 47 -15.01 8.15 8.68
N LEU A 48 -14.75 8.66 7.48
CA LEU A 48 -13.78 8.05 6.59
C LEU A 48 -12.89 9.07 5.93
N HIS A 49 -11.69 8.64 5.54
CA HIS A 49 -10.81 9.47 4.72
C HIS A 49 -11.26 9.52 3.26
N THR A 50 -12.11 8.56 2.88
CA THR A 50 -12.42 8.34 1.47
C THR A 50 -13.91 8.49 1.15
N ASP A 51 -14.22 9.25 0.10
CA ASP A 51 -15.48 9.10 -0.62
C ASP A 51 -15.26 9.60 -2.04
N LEU A 52 -16.27 9.47 -2.89
CA LEU A 52 -16.07 9.72 -4.31
C LEU A 52 -15.74 11.18 -4.61
N ALA A 53 -16.44 12.10 -3.95
CA ALA A 53 -16.19 13.51 -4.21
C ALA A 53 -14.78 13.92 -3.82
N ARG A 54 -14.31 13.41 -2.68
CA ARG A 54 -12.96 13.74 -2.24
C ARG A 54 -11.89 13.08 -3.09
N LEU A 55 -12.15 11.87 -3.58
CA LEU A 55 -11.24 11.24 -4.53
C LEU A 55 -11.09 12.12 -5.77
N ARG A 56 -12.19 12.68 -6.24
CA ARG A 56 -12.15 13.51 -7.44
C ARG A 56 -11.39 14.80 -7.17
N SER A 57 -11.71 15.44 -6.05
CA SER A 57 -11.01 16.66 -5.64
C SER A 57 -9.52 16.41 -5.47
N GLY A 58 -9.17 15.21 -5.02
CA GLY A 58 -7.78 14.87 -4.77
C GLY A 58 -7.00 14.50 -6.02
N GLY A 59 -7.70 14.32 -7.13
CA GLY A 59 -7.04 13.97 -8.37
C GLY A 59 -6.64 12.51 -8.45
N VAL A 60 -7.39 11.64 -7.76
CA VAL A 60 -7.12 10.21 -7.83
C VAL A 60 -7.77 9.62 -9.06
N GLY A 61 -6.95 9.04 -9.94
CA GLY A 61 -7.46 8.42 -11.16
C GLY A 61 -7.44 6.89 -11.18
N ALA A 62 -6.73 6.31 -10.23
CA ALA A 62 -6.77 4.86 -10.06
C ALA A 62 -6.46 4.55 -8.62
N GLN A 63 -7.12 3.52 -8.08
CA GLN A 63 -6.92 3.13 -6.70
C GLN A 63 -6.73 1.63 -6.59
N TYR A 64 -5.63 1.21 -5.97
CA TYR A 64 -5.55 -0.17 -5.50
C TYR A 64 -6.27 -0.20 -4.17
N TRP A 65 -7.44 -0.84 -4.17
CA TRP A 65 -8.21 -1.02 -2.96
C TRP A 65 -7.64 -2.21 -2.20
N SER A 66 -7.24 -1.99 -0.97
CA SER A 66 -6.69 -3.05 -0.15
C SER A 66 -7.78 -4.03 0.28
N VAL A 67 -7.49 -5.34 0.13
CA VAL A 67 -8.36 -6.38 0.68
C VAL A 67 -7.73 -7.05 1.90
N TYR A 68 -6.96 -6.26 2.63
CA TYR A 68 -6.42 -6.62 3.94
C TYR A 68 -7.40 -7.37 4.84
N VAL A 69 -6.90 -8.40 5.52
CA VAL A 69 -7.61 -9.04 6.63
C VAL A 69 -6.60 -9.32 7.73
N ARG A 70 -7.06 -9.53 8.96
CA ARG A 70 -6.15 -9.77 10.07
C ARG A 70 -5.44 -11.12 9.96
N SER A 71 -4.14 -11.14 10.24
CA SER A 71 -3.41 -12.40 10.24
C SER A 71 -3.54 -13.13 11.58
N ASP A 72 -3.99 -12.41 12.60
CA ASP A 72 -4.07 -12.98 13.96
C ASP A 72 -5.45 -13.52 14.30
N LEU A 73 -6.28 -13.73 13.29
CA LEU A 73 -7.58 -14.36 13.45
C LEU A 73 -7.73 -15.48 12.44
N PRO A 74 -8.54 -16.49 12.78
CA PRO A 74 -8.80 -17.58 11.83
C PRO A 74 -9.62 -17.09 10.64
N GLY A 75 -9.69 -17.91 9.59
CA GLY A 75 -10.56 -17.65 8.46
C GLY A 75 -10.13 -16.50 7.55
N ALA A 76 -8.82 -16.31 7.41
CA ALA A 76 -8.30 -15.25 6.57
C ALA A 76 -8.77 -15.35 5.13
N VAL A 77 -8.86 -16.57 4.60
CA VAL A 77 -9.27 -16.72 3.21
C VAL A 77 -10.72 -16.24 3.04
N THR A 78 -11.60 -16.72 3.90
CA THR A 78 -13.00 -16.29 3.85
C THR A 78 -13.10 -14.76 3.97
N ALA A 79 -12.39 -14.19 4.94
CA ALA A 79 -12.41 -12.75 5.12
C ALA A 79 -11.89 -12.00 3.88
N THR A 80 -10.86 -12.54 3.24
CA THR A 80 -10.32 -11.91 2.04
C THR A 80 -11.38 -11.91 0.93
N LEU A 81 -12.11 -13.02 0.80
CA LEU A 81 -13.18 -13.08 -0.19
C LEU A 81 -14.27 -12.05 0.10
N GLU A 82 -14.54 -11.81 1.39
CA GLU A 82 -15.49 -10.78 1.79
C GLU A 82 -14.99 -9.38 1.44
N GLN A 83 -13.70 -9.14 1.63
CA GLN A 83 -13.10 -7.87 1.26
C GLN A 83 -13.16 -7.64 -0.26
N ILE A 84 -12.85 -8.67 -1.02
CA ILE A 84 -12.95 -8.61 -2.48
C ILE A 84 -14.40 -8.32 -2.91
N ASP A 85 -15.34 -8.99 -2.27
CA ASP A 85 -16.76 -8.77 -2.54
C ASP A 85 -17.16 -7.33 -2.25
N CYS A 86 -16.61 -6.76 -1.18
CA CYS A 86 -16.87 -5.37 -0.86
C CYS A 86 -16.42 -4.44 -2.00
N VAL A 87 -15.22 -4.66 -2.52
CA VAL A 87 -14.71 -3.86 -3.63
C VAL A 87 -15.62 -4.01 -4.86
N ARG A 88 -16.02 -5.24 -5.16
N ARG A 88 -16.02 -5.23 -5.17
CA ARG A 88 -16.90 -5.54 -6.28
CA ARG A 88 -16.90 -5.46 -6.32
C ARG A 88 -18.22 -4.78 -6.14
C ARG A 88 -18.22 -4.74 -6.15
N ARG A 89 -18.80 -4.82 -4.94
CA ARG A 89 -20.06 -4.12 -4.66
C ARG A 89 -19.91 -2.61 -4.83
N LEU A 90 -18.80 -2.05 -4.37
CA LEU A 90 -18.57 -0.61 -4.53
C LEU A 90 -18.49 -0.22 -6.00
N ILE A 91 -17.78 -1.01 -6.79
CA ILE A 91 -17.69 -0.76 -8.22
C ILE A 91 -19.08 -0.84 -8.86
N ASP A 92 -19.85 -1.87 -8.51
CA ASP A 92 -21.19 -2.05 -9.08
C ASP A 92 -22.15 -0.92 -8.69
N ARG A 93 -21.98 -0.38 -7.48
CA ARG A 93 -22.87 0.67 -6.97
C ARG A 93 -22.59 2.04 -7.58
N HIS A 94 -21.39 2.23 -8.10
CA HIS A 94 -20.98 3.57 -8.55
C HIS A 94 -20.35 3.54 -9.93
N PRO A 95 -21.08 3.03 -10.94
CA PRO A 95 -20.52 2.89 -12.30
C PRO A 95 -20.22 4.23 -12.97
N GLY A 96 -20.84 5.30 -12.49
CA GLY A 96 -20.54 6.62 -13.04
C GLY A 96 -19.14 7.07 -12.68
N GLU A 97 -18.65 6.61 -11.53
CA GLU A 97 -17.40 7.10 -10.97
C GLU A 97 -16.24 6.09 -10.95
N LEU A 98 -16.57 4.79 -10.86
CA LEU A 98 -15.57 3.74 -10.73
C LEU A 98 -15.62 2.78 -11.92
N ARG A 99 -14.46 2.27 -12.32
CA ARG A 99 -14.41 1.23 -13.34
C ARG A 99 -13.43 0.15 -12.87
N ALA A 100 -13.87 -1.11 -12.87
CA ALA A 100 -12.97 -2.20 -12.51
C ALA A 100 -11.77 -2.19 -13.45
N ALA A 101 -10.59 -2.40 -12.90
CA ALA A 101 -9.40 -2.52 -13.74
C ALA A 101 -8.58 -3.73 -13.34
N LEU A 102 -8.27 -4.56 -14.34
CA LEU A 102 -7.46 -5.76 -14.14
C LEU A 102 -6.10 -5.63 -14.81
N THR A 103 -5.99 -4.68 -15.73
CA THR A 103 -4.77 -4.54 -16.54
C THR A 103 -4.36 -3.09 -16.67
N ALA A 104 -3.14 -2.90 -17.17
CA ALA A 104 -2.63 -1.56 -17.45
C ALA A 104 -3.51 -0.89 -18.52
N ALA A 105 -3.93 -1.67 -19.52
CA ALA A 105 -4.83 -1.13 -20.53
C ALA A 105 -6.15 -0.67 -19.92
N ASP A 106 -6.67 -1.43 -18.94
CA ASP A 106 -7.90 -1.02 -18.28
C ASP A 106 -7.70 0.32 -17.55
N MET A 107 -6.52 0.51 -16.97
CA MET A 107 -6.24 1.78 -16.29
C MET A 107 -6.30 2.96 -17.27
N GLU A 108 -5.70 2.78 -18.45
CA GLU A 108 -5.76 3.82 -19.46
C GLU A 108 -7.18 4.02 -19.98
N ALA A 109 -7.93 2.93 -20.13
CA ALA A 109 -9.31 3.05 -20.58
C ALA A 109 -10.13 3.85 -19.57
N ALA A 110 -9.93 3.57 -18.29
CA ALA A 110 -10.61 4.34 -17.25
C ALA A 110 -10.23 5.82 -17.32
N ARG A 111 -8.94 6.10 -17.49
CA ARG A 111 -8.50 7.50 -17.55
C ARG A 111 -9.13 8.23 -18.75
N ALA A 112 -9.23 7.54 -19.89
CA ALA A 112 -9.80 8.14 -21.09
C ALA A 112 -11.25 8.53 -20.89
N GLU A 113 -11.99 7.75 -20.10
CA GLU A 113 -13.40 8.04 -19.92
C GLU A 113 -13.73 8.75 -18.60
N GLY A 114 -12.69 9.07 -17.83
CA GLY A 114 -12.88 9.85 -16.62
C GLY A 114 -13.47 9.08 -15.44
N ARG A 115 -13.17 7.80 -15.36
CA ARG A 115 -13.57 7.00 -14.21
C ARG A 115 -12.33 6.54 -13.47
N ILE A 116 -12.49 6.34 -12.17
CA ILE A 116 -11.39 5.89 -11.33
C ILE A 116 -11.17 4.40 -11.50
N ALA A 117 -10.02 4.03 -12.06
CA ALA A 117 -9.69 2.63 -12.23
C ALA A 117 -9.57 2.00 -10.84
N SER A 118 -10.31 0.91 -10.64
CA SER A 118 -10.39 0.27 -9.33
C SER A 118 -9.78 -1.11 -9.36
N LEU A 119 -8.61 -1.22 -8.72
CA LEU A 119 -7.86 -2.47 -8.65
C LEU A 119 -7.90 -2.99 -7.22
N MET A 120 -7.36 -4.19 -7.01
CA MET A 120 -7.30 -4.79 -5.68
C MET A 120 -5.91 -5.30 -5.36
N GLY A 121 -5.50 -5.12 -4.10
CA GLY A 121 -4.25 -5.63 -3.60
C GLY A 121 -4.50 -6.31 -2.26
N ALA A 122 -4.03 -7.55 -2.14
CA ALA A 122 -4.14 -8.29 -0.88
C ALA A 122 -2.98 -7.86 0.00
N GLU A 123 -3.22 -7.78 1.31
CA GLU A 123 -2.20 -7.29 2.21
C GLU A 123 -1.78 -8.35 3.22
N GLY A 124 -0.89 -9.23 2.76
CA GLY A 124 -0.33 -10.26 3.62
C GLY A 124 -0.52 -11.65 3.06
N GLY A 125 0.57 -12.43 3.06
CA GLY A 125 0.57 -13.77 2.50
C GLY A 125 -0.37 -14.73 3.21
N HIS A 126 -0.80 -14.39 4.42
CA HIS A 126 -1.76 -15.22 5.14
C HIS A 126 -3.07 -15.33 4.37
N SER A 127 -3.31 -14.39 3.45
CA SER A 127 -4.51 -14.44 2.63
C SER A 127 -4.56 -15.65 1.69
N ILE A 128 -3.44 -16.34 1.47
CA ILE A 128 -3.46 -17.55 0.64
C ILE A 128 -3.35 -18.87 1.40
N ASP A 129 -3.26 -18.82 2.73
CA ASP A 129 -3.32 -20.03 3.54
C ASP A 129 -2.34 -21.10 3.03
N ASN A 130 -1.11 -20.68 2.75
CA ASN A 130 -0.05 -21.57 2.28
C ASN A 130 -0.40 -22.38 1.03
N SER A 131 -1.30 -21.86 0.21
CA SER A 131 -1.87 -22.61 -0.92
C SER A 131 -1.65 -21.85 -2.23
N LEU A 132 -0.86 -22.42 -3.13
CA LEU A 132 -0.61 -21.77 -4.42
C LEU A 132 -1.88 -21.68 -5.27
N ALA A 133 -2.74 -22.70 -5.17
CA ALA A 133 -4.02 -22.66 -5.87
C ALA A 133 -4.88 -21.51 -5.37
N THR A 134 -4.79 -21.23 -4.06
CA THR A 134 -5.54 -20.12 -3.49
C THR A 134 -5.00 -18.78 -4.01
N LEU A 135 -3.68 -18.67 -4.12
CA LEU A 135 -3.07 -17.52 -4.78
C LEU A 135 -3.66 -17.33 -6.18
N ARG A 136 -3.73 -18.42 -6.94
CA ARG A 136 -4.28 -18.35 -8.29
C ARG A 136 -5.76 -17.95 -8.28
N ALA A 137 -6.51 -18.42 -7.29
CA ALA A 137 -7.91 -18.01 -7.15
C ALA A 137 -8.05 -16.51 -6.89
N LEU A 138 -7.19 -15.97 -6.02
CA LEU A 138 -7.23 -14.54 -5.74
C LEU A 138 -6.92 -13.74 -7.01
N TYR A 139 -5.94 -14.21 -7.78
CA TYR A 139 -5.67 -13.54 -9.05
C TYR A 139 -6.91 -13.60 -9.96
N ALA A 140 -7.56 -14.76 -10.02
CA ALA A 140 -8.72 -14.91 -10.88
C ALA A 140 -9.85 -13.97 -10.48
N LEU A 141 -9.95 -13.68 -9.19
CA LEU A 141 -10.97 -12.76 -8.68
C LEU A 141 -10.60 -11.29 -8.84
N GLY A 142 -9.37 -11.02 -9.27
CA GLY A 142 -8.98 -9.66 -9.60
C GLY A 142 -7.85 -9.07 -8.78
N VAL A 143 -7.31 -9.83 -7.84
CA VAL A 143 -6.20 -9.31 -7.04
C VAL A 143 -4.95 -9.14 -7.90
N ARG A 144 -4.33 -7.96 -7.84
CA ARG A 144 -3.20 -7.65 -8.71
C ARG A 144 -1.88 -7.34 -7.99
N TYR A 145 -1.92 -7.31 -6.66
CA TYR A 145 -0.69 -7.40 -5.88
C TYR A 145 -0.97 -8.11 -4.57
N MET A 146 0.08 -8.66 -3.97
CA MET A 146 -0.03 -9.15 -2.60
C MET A 146 1.20 -8.76 -1.80
N THR A 147 0.96 -8.05 -0.70
CA THR A 147 2.01 -7.75 0.27
C THR A 147 2.41 -9.08 0.90
N LEU A 148 3.69 -9.41 0.93
CA LEU A 148 4.04 -10.78 1.28
C LEU A 148 3.78 -11.10 2.76
N THR A 149 3.92 -10.11 3.63
CA THR A 149 3.47 -10.25 5.03
C THR A 149 2.65 -9.04 5.41
N HIS A 150 1.95 -9.14 6.53
CA HIS A 150 1.49 -7.94 7.20
C HIS A 150 2.45 -7.69 8.38
N ASN A 151 1.92 -7.39 9.58
CA ASN A 151 2.79 -7.03 10.71
C ASN A 151 3.49 -8.19 11.41
N ASP A 152 3.06 -9.41 11.11
CA ASP A 152 3.65 -10.61 11.72
C ASP A 152 4.24 -11.51 10.63
N ASN A 153 5.27 -12.26 11.00
CA ASN A 153 5.77 -13.31 10.13
C ASN A 153 4.64 -14.23 9.72
N ASN A 154 4.75 -14.79 8.51
CA ASN A 154 3.98 -15.99 8.20
C ASN A 154 4.96 -17.15 8.04
N ALA A 155 4.50 -18.32 7.60
CA ALA A 155 5.37 -19.49 7.64
C ALA A 155 6.54 -19.39 6.66
N TRP A 156 6.40 -18.54 5.66
CA TRP A 156 7.34 -18.52 4.55
C TRP A 156 7.99 -17.15 4.28
N ALA A 157 7.65 -16.15 5.08
CA ALA A 157 8.21 -14.81 4.90
C ALA A 157 8.28 -14.04 6.22
N ASP A 158 9.34 -13.24 6.37
CA ASP A 158 9.56 -12.46 7.59
C ASP A 158 9.07 -11.03 7.46
N SER A 159 8.36 -10.58 8.50
CA SER A 159 7.82 -9.22 8.56
C SER A 159 8.80 -8.27 9.23
N ALA A 160 8.78 -7.01 8.83
CA ALA A 160 9.68 -6.02 9.42
C ALA A 160 9.35 -5.73 10.88
N THR A 161 8.11 -6.00 11.27
CA THR A 161 7.65 -5.68 12.62
C THR A 161 7.49 -6.95 13.46
N ASP A 162 8.31 -7.94 13.17
CA ASP A 162 8.35 -9.18 13.94
C ASP A 162 9.83 -9.56 14.10
N GLU A 163 10.09 -10.57 14.93
CA GLU A 163 11.44 -11.09 15.09
C GLU A 163 11.83 -11.89 13.86
N PRO A 164 13.14 -12.07 13.64
CA PRO A 164 13.55 -12.91 12.51
C PRO A 164 12.92 -14.30 12.61
N GLY A 165 12.50 -14.83 11.48
CA GLY A 165 11.86 -16.14 11.44
C GLY A 165 12.61 -17.08 10.52
N VAL A 166 12.25 -17.07 9.25
CA VAL A 166 12.91 -17.92 8.26
C VAL A 166 14.13 -17.27 7.62
N GLY A 167 14.38 -16.00 7.93
CA GLY A 167 15.56 -15.30 7.43
C GLY A 167 15.33 -14.51 6.15
N GLY A 168 14.07 -14.24 5.83
CA GLY A 168 13.70 -13.55 4.61
C GLY A 168 12.54 -14.32 4.01
N LEU A 169 12.78 -14.92 2.84
CA LEU A 169 11.85 -15.89 2.25
C LEU A 169 12.39 -17.30 2.46
N SER A 170 11.49 -18.22 2.81
CA SER A 170 11.83 -19.64 2.81
C SER A 170 11.81 -20.16 1.38
N ALA A 171 12.12 -21.43 1.19
CA ALA A 171 12.02 -22.03 -0.13
C ALA A 171 10.60 -21.90 -0.69
N PHE A 172 9.60 -22.17 0.15
CA PHE A 172 8.23 -22.02 -0.30
C PHE A 172 7.93 -20.55 -0.60
N GLY A 173 8.51 -19.64 0.17
CA GLY A 173 8.34 -18.22 -0.07
C GLY A 173 8.83 -17.83 -1.45
N ARG A 174 9.97 -18.38 -1.84
CA ARG A 174 10.49 -18.13 -3.19
C ARG A 174 9.53 -18.70 -4.24
N GLU A 175 8.92 -19.83 -3.92
CA GLU A 175 7.97 -20.45 -4.84
C GLU A 175 6.74 -19.56 -5.00
N VAL A 176 6.30 -18.91 -3.91
CA VAL A 176 5.18 -17.98 -3.99
C VAL A 176 5.54 -16.83 -4.94
N VAL A 177 6.73 -16.26 -4.78
CA VAL A 177 7.18 -15.21 -5.66
C VAL A 177 7.19 -15.68 -7.13
N ARG A 178 7.74 -16.86 -7.38
CA ARG A 178 7.74 -17.41 -8.74
C ARG A 178 6.31 -17.52 -9.30
N GLU A 179 5.37 -17.97 -8.47
CA GLU A 179 4.00 -18.12 -8.94
C GLU A 179 3.32 -16.78 -9.17
N MET A 180 3.59 -15.81 -8.31
CA MET A 180 3.11 -14.46 -8.53
C MET A 180 3.66 -13.92 -9.85
N ASN A 181 4.94 -14.17 -10.13
CA ASN A 181 5.52 -13.74 -11.39
C ASN A 181 4.79 -14.40 -12.56
N ARG A 182 4.52 -15.70 -12.46
CA ARG A 182 3.84 -16.39 -13.56
C ARG A 182 2.42 -15.88 -13.76
N GLU A 183 1.71 -15.61 -12.67
CA GLU A 183 0.34 -15.12 -12.78
C GLU A 183 0.23 -13.69 -13.30
N GLY A 184 1.25 -12.89 -13.01
CA GLY A 184 1.19 -11.47 -13.22
C GLY A 184 0.71 -10.69 -12.01
N MET A 185 0.82 -11.26 -10.81
CA MET A 185 0.50 -10.52 -9.60
C MET A 185 1.75 -9.81 -9.09
N LEU A 186 1.64 -8.50 -8.85
CA LEU A 186 2.80 -7.77 -8.34
C LEU A 186 3.17 -8.18 -6.92
N VAL A 187 4.46 -8.40 -6.73
CA VAL A 187 5.03 -8.67 -5.41
C VAL A 187 5.15 -7.35 -4.66
N ASP A 188 4.44 -7.26 -3.53
CA ASP A 188 4.48 -6.04 -2.72
C ASP A 188 5.33 -6.28 -1.47
N LEU A 189 6.33 -5.41 -1.30
CA LEU A 189 7.32 -5.53 -0.24
C LEU A 189 7.16 -4.50 0.87
N SER A 190 6.03 -3.79 0.86
CA SER A 190 5.64 -3.10 2.09
C SER A 190 5.52 -4.15 3.20
N HIS A 191 5.71 -3.71 4.44
CA HIS A 191 5.61 -4.57 5.63
C HIS A 191 6.70 -5.62 5.86
N VAL A 192 7.37 -6.08 4.81
CA VAL A 192 8.31 -7.18 4.99
C VAL A 192 9.66 -6.71 5.53
N ALA A 193 10.39 -7.64 6.14
CA ALA A 193 11.74 -7.37 6.63
C ALA A 193 12.69 -7.06 5.47
N ALA A 194 13.76 -6.33 5.78
CA ALA A 194 14.75 -6.03 4.75
C ALA A 194 15.35 -7.30 4.14
N THR A 195 15.51 -8.33 4.95
CA THR A 195 15.97 -9.62 4.43
C THR A 195 14.99 -10.15 3.38
N THR A 196 13.71 -10.07 3.70
CA THR A 196 12.65 -10.51 2.77
C THR A 196 12.70 -9.69 1.49
N MET A 197 12.94 -8.39 1.62
CA MET A 197 13.04 -7.52 0.45
C MET A 197 14.14 -8.00 -0.48
N ARG A 198 15.30 -8.30 0.10
CA ARG A 198 16.44 -8.71 -0.71
C ARG A 198 16.21 -10.08 -1.36
N ASP A 199 15.63 -11.01 -0.60
CA ASP A 199 15.31 -12.32 -1.15
C ASP A 199 14.29 -12.21 -2.29
N ALA A 200 13.30 -11.34 -2.12
CA ALA A 200 12.28 -11.17 -3.16
C ALA A 200 12.90 -10.55 -4.42
N LEU A 201 13.78 -9.58 -4.24
CA LEU A 201 14.45 -8.97 -5.39
C LEU A 201 15.39 -9.96 -6.10
N ASP A 202 16.01 -10.85 -5.34
CA ASP A 202 16.85 -11.88 -5.95
C ASP A 202 16.01 -12.83 -6.79
N THR A 203 14.81 -13.15 -6.30
CA THR A 203 13.98 -14.19 -6.91
C THR A 203 13.10 -13.68 -8.05
N SER A 204 12.54 -12.49 -7.88
CA SER A 204 11.52 -12.01 -8.81
C SER A 204 12.08 -11.75 -10.19
N THR A 205 11.37 -12.23 -11.21
CA THR A 205 11.70 -11.88 -12.60
C THR A 205 10.82 -10.73 -13.12
N ALA A 206 10.00 -10.15 -12.25
CA ALA A 206 9.17 -9.01 -12.60
C ALA A 206 9.44 -7.84 -11.65
N PRO A 207 9.18 -6.63 -12.13
CA PRO A 207 9.23 -5.47 -11.23
C PRO A 207 8.36 -5.69 -9.98
N VAL A 208 8.91 -5.32 -8.83
CA VAL A 208 8.20 -5.39 -7.56
C VAL A 208 7.73 -4.02 -7.15
N ILE A 209 6.81 -3.97 -6.20
CA ILE A 209 6.39 -2.68 -5.64
C ILE A 209 6.51 -2.64 -4.12
N PHE A 210 6.45 -1.42 -3.58
CA PHE A 210 6.13 -1.19 -2.18
C PHE A 210 4.87 -0.33 -2.23
N SER A 211 3.73 -0.91 -1.87
CA SER A 211 2.45 -0.23 -2.06
C SER A 211 2.23 0.94 -1.09
N HIS A 212 2.91 0.88 0.06
CA HIS A 212 2.85 1.96 1.04
C HIS A 212 4.05 1.90 2.00
N SER A 213 5.19 2.40 1.53
CA SER A 213 6.38 2.50 2.39
C SER A 213 7.16 3.76 2.03
N SER A 214 7.86 4.30 3.02
CA SER A 214 8.66 5.49 2.81
C SER A 214 10.15 5.18 3.01
N SER A 215 10.97 6.19 3.33
CA SER A 215 12.43 6.00 3.28
C SER A 215 13.03 5.81 4.67
N ARG A 216 13.77 4.70 4.85
CA ARG A 216 14.39 4.42 6.14
C ARG A 216 15.55 5.37 6.44
N ALA A 217 16.23 5.84 5.40
CA ALA A 217 17.32 6.81 5.57
C ALA A 217 16.78 8.13 6.10
N VAL A 218 15.59 8.52 5.67
CA VAL A 218 14.99 9.76 6.11
C VAL A 218 14.36 9.61 7.49
N CYS A 219 13.71 8.47 7.72
CA CYS A 219 13.06 8.20 8.99
C CYS A 219 13.25 6.73 9.32
N ASP A 220 14.07 6.44 10.32
CA ASP A 220 14.49 5.08 10.60
C ASP A 220 13.39 4.31 11.33
N HIS A 221 12.63 3.53 10.57
CA HIS A 221 11.57 2.68 11.09
C HIS A 221 11.54 1.47 10.19
N PRO A 222 11.33 0.27 10.76
CA PRO A 222 11.38 -0.95 9.95
C PRO A 222 10.34 -1.00 8.83
N ARG A 223 9.26 -0.23 8.94
CA ARG A 223 8.27 -0.18 7.86
C ARG A 223 8.75 0.57 6.62
N ASN A 224 9.88 1.27 6.73
CA ASN A 224 10.42 2.01 5.60
C ASN A 224 11.52 1.24 4.86
N ILE A 225 11.91 1.75 3.70
CA ILE A 225 12.81 1.01 2.81
C ILE A 225 14.26 1.50 2.95
N PRO A 226 15.21 0.57 3.15
CA PRO A 226 16.64 0.96 3.19
C PRO A 226 17.15 1.43 1.84
N ASP A 227 18.14 2.31 1.86
CA ASP A 227 18.74 2.78 0.62
C ASP A 227 19.23 1.65 -0.28
N ASP A 228 19.83 0.61 0.29
CA ASP A 228 20.41 -0.43 -0.55
C ASP A 228 19.34 -1.16 -1.33
N VAL A 229 18.13 -1.19 -0.78
CA VAL A 229 16.99 -1.79 -1.48
C VAL A 229 16.46 -0.83 -2.55
N LEU A 230 16.33 0.45 -2.20
CA LEU A 230 15.94 1.46 -3.18
C LEU A 230 16.86 1.44 -4.41
N GLU A 231 18.15 1.26 -4.17
CA GLU A 231 19.13 1.27 -5.25
C GLU A 231 18.89 0.14 -6.24
N ARG A 232 18.30 -0.95 -5.76
CA ARG A 232 18.04 -2.10 -6.62
C ARG A 232 16.81 -1.94 -7.52
N LEU A 233 16.00 -0.89 -7.28
CA LEU A 233 14.76 -0.74 -8.05
C LEU A 233 14.93 -0.45 -9.54
N SER A 234 15.96 0.30 -9.90
N SER A 234 15.96 0.32 -9.89
CA SER A 234 16.18 0.62 -11.31
CA SER A 234 16.21 0.62 -11.29
C SER A 234 16.48 -0.65 -12.11
C SER A 234 16.41 -0.68 -12.07
N ALA A 235 17.26 -1.56 -11.53
CA ALA A 235 17.55 -2.82 -12.19
C ALA A 235 16.31 -3.69 -12.23
N ASN A 236 15.57 -3.73 -11.12
CA ASN A 236 14.38 -4.57 -11.06
C ASN A 236 13.23 -4.02 -11.89
N GLY A 237 13.20 -2.69 -12.03
CA GLY A 237 12.15 -2.01 -12.77
C GLY A 237 10.95 -1.60 -11.96
N GLY A 238 10.97 -1.88 -10.66
CA GLY A 238 9.82 -1.66 -9.81
C GLY A 238 9.69 -0.24 -9.27
N MET A 239 8.87 -0.06 -8.23
CA MET A 239 8.62 1.27 -7.72
C MET A 239 8.22 1.26 -6.25
N ALA A 240 8.61 2.34 -5.57
CA ALA A 240 8.31 2.51 -4.15
C ALA A 240 7.24 3.59 -4.04
N MET A 241 6.11 3.24 -3.44
CA MET A 241 4.98 4.15 -3.34
C MET A 241 4.95 4.74 -1.94
N VAL A 242 5.37 6.00 -1.86
CA VAL A 242 5.58 6.69 -0.59
C VAL A 242 4.27 6.72 0.22
N THR A 243 4.37 6.53 1.53
CA THR A 243 3.17 6.56 2.37
C THR A 243 3.17 7.76 3.32
N PHE A 244 1.99 8.07 3.86
CA PHE A 244 1.79 9.30 4.60
C PHE A 244 1.73 9.08 6.12
N VAL A 245 1.76 7.82 6.55
CA VAL A 245 1.60 7.49 7.97
C VAL A 245 2.58 8.29 8.83
N PRO A 246 2.08 9.18 9.70
CA PRO A 246 3.01 10.08 10.42
C PRO A 246 4.11 9.37 11.19
N LYS A 247 3.78 8.29 11.89
CA LYS A 247 4.76 7.59 12.71
C LYS A 247 5.78 6.81 11.87
N PHE A 248 5.63 6.85 10.54
CA PHE A 248 6.65 6.33 9.63
C PHE A 248 7.48 7.45 9.01
N VAL A 249 6.87 8.59 8.71
CA VAL A 249 7.55 9.63 7.94
C VAL A 249 8.20 10.75 8.76
N LEU A 250 7.66 11.07 9.93
CA LEU A 250 8.21 12.15 10.76
C LEU A 250 9.06 11.59 11.89
N GLN A 251 10.31 12.00 11.95
CA GLN A 251 11.21 11.55 13.02
C GLN A 251 10.57 11.72 14.39
N ALA A 252 10.02 12.90 14.66
CA ALA A 252 9.45 13.17 15.97
C ALA A 252 8.32 12.18 16.30
N ALA A 253 7.59 11.76 15.27
CA ALA A 253 6.46 10.83 15.48
C ALA A 253 6.96 9.42 15.74
N VAL A 254 8.02 9.00 15.05
CA VAL A 254 8.63 7.71 15.36
C VAL A 254 9.10 7.68 16.82
N ASP A 255 9.79 8.73 17.23
CA ASP A 255 10.33 8.83 18.58
C ASP A 255 9.20 8.85 19.61
N TRP A 256 8.16 9.62 19.31
CA TRP A 256 7.01 9.73 20.22
C TRP A 256 6.32 8.39 20.41
N THR A 257 6.10 7.69 19.31
CA THR A 257 5.44 6.39 19.38
C THR A 257 6.30 5.40 20.17
N ALA A 258 7.62 5.46 19.99
CA ALA A 258 8.50 4.58 20.76
C ALA A 258 8.38 4.88 22.26
N GLU A 259 8.34 6.16 22.60
CA GLU A 259 8.20 6.55 23.99
C GLU A 259 6.82 6.19 24.56
N ALA A 260 5.77 6.30 23.73
CA ALA A 260 4.43 5.91 24.13
C ALA A 260 4.38 4.42 24.43
N ASP A 261 4.99 3.63 23.54
CA ASP A 261 5.04 2.18 23.69
C ASP A 261 5.82 1.79 24.95
N ASP A 262 6.95 2.45 25.17
CA ASP A 262 7.74 2.20 26.39
C ASP A 262 6.90 2.51 27.62
N ASN A 263 6.17 3.61 27.57
CA ASN A 263 5.36 4.00 28.72
C ASN A 263 4.26 2.98 29.00
N MET A 264 3.69 2.40 27.94
CA MET A 264 2.69 1.35 28.12
C MET A 264 3.29 0.16 28.83
N ARG A 265 4.46 -0.29 28.37
CA ARG A 265 5.13 -1.42 29.00
C ARG A 265 5.52 -1.10 30.45
N ALA A 266 5.83 0.15 30.73
CA ALA A 266 6.21 0.55 32.10
C ALA A 266 5.05 0.35 33.07
N HIS A 267 3.84 0.32 32.53
CA HIS A 267 2.64 0.12 33.32
C HIS A 267 2.15 -1.32 33.24
N GLY A 268 2.97 -2.18 32.66
CA GLY A 268 2.66 -3.60 32.55
C GLY A 268 1.69 -3.98 31.45
N PHE A 269 1.51 -3.10 30.47
CA PHE A 269 0.67 -3.40 29.31
C PHE A 269 1.50 -3.66 28.05
N HIS A 270 1.04 -4.60 27.22
CA HIS A 270 1.57 -4.75 25.88
C HIS A 270 1.26 -3.45 25.14
N HIS A 271 2.17 -3.03 24.26
CA HIS A 271 2.00 -1.72 23.63
C HIS A 271 0.76 -1.64 22.74
N LEU A 272 0.20 -2.79 22.38
CA LEU A 272 -0.98 -2.84 21.53
C LEU A 272 -2.28 -3.08 22.31
N ASP A 273 -2.19 -3.15 23.64
CA ASP A 273 -3.34 -3.38 24.49
C ASP A 273 -4.33 -2.23 24.35
N SER A 274 -5.60 -2.55 24.12
CA SER A 274 -6.61 -1.53 23.87
C SER A 274 -7.72 -1.50 24.92
N SER A 275 -7.49 -2.16 26.06
CA SER A 275 -8.44 -2.14 27.16
C SER A 275 -8.61 -0.72 27.69
N PRO A 276 -9.74 -0.44 28.36
CA PRO A 276 -9.96 0.86 28.99
C PRO A 276 -8.80 1.26 29.91
N GLU A 277 -8.26 0.29 30.63
CA GLU A 277 -7.16 0.57 31.56
C GLU A 277 -5.89 1.01 30.80
N ALA A 278 -5.57 0.29 29.73
CA ALA A 278 -4.41 0.66 28.91
C ALA A 278 -4.65 2.02 28.27
N MET A 279 -5.87 2.27 27.82
CA MET A 279 -6.20 3.53 27.18
C MET A 279 -6.01 4.71 28.13
N LYS A 280 -6.30 4.50 29.41
CA LYS A 280 -6.14 5.55 30.41
C LYS A 280 -4.66 5.92 30.52
N VAL A 281 -3.81 4.89 30.51
CA VAL A 281 -2.36 5.10 30.56
C VAL A 281 -1.88 5.88 29.35
N HIS A 282 -2.32 5.48 28.16
CA HIS A 282 -1.90 6.18 26.97
C HIS A 282 -2.38 7.63 26.96
N ALA A 283 -3.62 7.84 27.40
CA ALA A 283 -4.18 9.18 27.43
C ALA A 283 -3.35 10.09 28.33
N ALA A 284 -2.90 9.56 29.46
CA ALA A 284 -2.06 10.31 30.39
C ALA A 284 -0.73 10.68 29.75
N PHE A 285 -0.17 9.75 28.97
CA PHE A 285 1.07 10.08 28.25
C PHE A 285 0.86 11.22 27.26
N GLU A 286 -0.19 11.11 26.45
CA GLU A 286 -0.42 12.11 25.42
C GLU A 286 -0.75 13.46 26.05
N GLU A 287 -1.35 13.41 27.24
CA GLU A 287 -1.62 14.63 28.00
C GLU A 287 -0.33 15.40 28.27
N ARG A 288 0.70 14.70 28.77
CA ARG A 288 1.95 15.37 29.11
C ARG A 288 2.92 15.51 27.93
N VAL A 289 2.71 14.72 26.88
CA VAL A 289 3.53 14.79 25.68
C VAL A 289 2.65 14.75 24.44
N PRO A 290 2.26 15.92 23.93
CA PRO A 290 1.37 15.94 22.77
C PRO A 290 1.95 15.23 21.55
N ARG A 291 1.05 14.62 20.78
CA ARG A 291 1.40 13.91 19.56
C ARG A 291 1.94 14.91 18.52
N PRO A 292 3.15 14.65 18.01
CA PRO A 292 3.69 15.51 16.94
C PRO A 292 2.89 15.34 15.66
N VAL A 293 2.92 16.36 14.82
CA VAL A 293 2.12 16.38 13.61
C VAL A 293 3.02 16.56 12.40
N ALA A 294 2.89 15.63 11.44
CA ALA A 294 3.65 15.68 10.20
C ALA A 294 2.97 16.65 9.24
N THR A 295 3.69 17.04 8.19
CA THR A 295 3.14 17.94 7.18
C THR A 295 3.42 17.42 5.77
N VAL A 296 2.90 18.13 4.79
CA VAL A 296 3.22 17.82 3.40
C VAL A 296 4.73 17.84 3.18
N SER A 297 5.40 18.83 3.78
CA SER A 297 6.84 18.92 3.70
C SER A 297 7.54 17.63 4.16
N THR A 298 7.02 17.03 5.23
CA THR A 298 7.59 15.78 5.72
C THR A 298 7.57 14.72 4.61
N VAL A 299 6.43 14.59 3.96
CA VAL A 299 6.29 13.59 2.91
C VAL A 299 7.19 13.93 1.71
N ALA A 300 7.25 15.20 1.34
CA ALA A 300 8.13 15.61 0.26
C ALA A 300 9.62 15.31 0.55
N ASP A 301 10.02 15.40 1.82
CA ASP A 301 11.39 15.06 2.17
C ASP A 301 11.70 13.60 1.80
N HIS A 302 10.73 12.71 2.04
CA HIS A 302 10.93 11.33 1.64
C HIS A 302 11.05 11.17 0.13
N LEU A 303 10.14 11.80 -0.60
CA LEU A 303 10.16 11.70 -2.05
C LEU A 303 11.46 12.26 -2.64
N ASP A 304 11.95 13.37 -2.09
CA ASP A 304 13.21 13.92 -2.58
C ASP A 304 14.32 12.89 -2.45
N HIS A 305 14.43 12.26 -1.28
CA HIS A 305 15.50 11.31 -1.07
C HIS A 305 15.29 10.04 -1.90
N MET A 306 14.05 9.57 -1.95
CA MET A 306 13.76 8.39 -2.74
C MET A 306 14.05 8.63 -4.22
N ARG A 307 13.77 9.84 -4.69
CA ARG A 307 14.10 10.19 -6.08
C ARG A 307 15.61 10.11 -6.32
N GLU A 308 16.39 10.61 -5.37
CA GLU A 308 17.85 10.62 -5.50
C GLU A 308 18.40 9.21 -5.56
N VAL A 309 17.89 8.32 -4.72
CA VAL A 309 18.45 6.98 -4.61
C VAL A 309 17.85 5.98 -5.60
N ALA A 310 16.52 6.00 -5.72
CA ALA A 310 15.82 5.04 -6.57
C ALA A 310 15.65 5.52 -8.00
N GLY A 311 15.54 6.84 -8.18
CA GLY A 311 15.26 7.41 -9.49
C GLY A 311 13.79 7.72 -9.69
N VAL A 312 13.53 8.78 -10.45
CA VAL A 312 12.17 9.27 -10.66
C VAL A 312 11.24 8.24 -11.32
N ASP A 313 11.81 7.30 -12.06
CA ASP A 313 11.02 6.28 -12.73
C ASP A 313 10.56 5.17 -11.78
N HIS A 314 10.96 5.27 -10.51
CA HIS A 314 10.73 4.18 -9.56
C HIS A 314 10.00 4.62 -8.30
N LEU A 315 9.13 5.62 -8.47
CA LEU A 315 8.39 6.23 -7.36
C LEU A 315 6.90 6.25 -7.66
N GLY A 316 6.11 6.13 -6.60
CA GLY A 316 4.67 6.34 -6.69
C GLY A 316 4.16 6.84 -5.35
N ILE A 317 2.85 6.79 -5.17
CA ILE A 317 2.20 7.27 -3.95
C ILE A 317 1.25 6.20 -3.44
N GLY A 318 1.34 5.88 -2.15
CA GLY A 318 0.41 4.96 -1.50
C GLY A 318 0.02 5.52 -0.15
N GLY A 319 -1.07 6.27 -0.12
CA GLY A 319 -1.37 7.11 1.04
C GLY A 319 -1.70 6.38 2.33
N ASP A 320 -2.23 5.16 2.21
CA ASP A 320 -2.74 4.41 3.37
C ASP A 320 -3.99 5.03 3.96
N TYR A 321 -4.76 5.76 3.16
CA TYR A 321 -6.00 6.33 3.66
C TYR A 321 -6.96 5.26 4.15
N ASP A 322 -7.65 5.58 5.23
CA ASP A 322 -8.54 4.66 5.93
C ASP A 322 -7.84 3.43 6.51
N GLY A 323 -6.51 3.46 6.52
CA GLY A 323 -5.72 2.40 7.14
C GLY A 323 -5.03 2.85 8.41
N THR A 324 -4.95 4.17 8.57
CA THR A 324 -4.30 4.79 9.72
C THR A 324 -5.21 5.86 10.30
N PRO A 325 -5.24 6.02 11.62
CA PRO A 325 -6.13 7.06 12.14
C PRO A 325 -5.52 8.45 12.05
N PHE A 326 -4.21 8.53 11.84
CA PHE A 326 -3.51 9.81 11.85
C PHE A 326 -2.91 10.16 10.51
N THR A 327 -2.93 11.45 10.18
CA THR A 327 -2.49 11.93 8.87
C THR A 327 -1.68 13.21 9.01
N PRO A 328 -0.82 13.50 8.03
CA PRO A 328 -0.11 14.78 8.03
C PRO A 328 -1.07 15.93 7.78
N ASP A 329 -0.76 17.10 8.35
CA ASP A 329 -1.48 18.31 7.97
C ASP A 329 -1.33 18.53 6.47
N GLY A 330 -2.43 18.88 5.82
CA GLY A 330 -2.42 19.07 4.38
C GLY A 330 -2.72 17.79 3.62
N LEU A 331 -2.67 16.66 4.32
CA LEU A 331 -2.98 15.36 3.71
C LEU A 331 -3.98 14.61 4.59
N GLY A 332 -4.92 15.36 5.16
CA GLY A 332 -5.88 14.80 6.10
C GLY A 332 -6.87 13.79 5.54
N ASP A 333 -7.08 13.79 4.23
CA ASP A 333 -7.94 12.80 3.60
C ASP A 333 -7.60 12.70 2.12
N VAL A 334 -8.37 11.92 1.36
CA VAL A 334 -7.98 11.64 -0.02
C VAL A 334 -8.04 12.86 -0.94
N SER A 335 -8.58 13.97 -0.45
CA SER A 335 -8.60 15.20 -1.26
C SER A 335 -7.26 15.93 -1.24
N GLY A 336 -6.31 15.45 -0.45
CA GLY A 336 -5.10 16.20 -0.18
C GLY A 336 -3.97 16.18 -1.20
N TYR A 337 -3.99 15.21 -2.13
CA TYR A 337 -2.83 15.02 -3.02
C TYR A 337 -2.34 16.30 -3.72
N PRO A 338 -3.25 17.18 -4.16
CA PRO A 338 -2.73 18.38 -4.84
C PRO A 338 -1.77 19.20 -3.97
N ASN A 339 -1.94 19.16 -2.65
CA ASN A 339 -1.03 19.88 -1.77
C ASN A 339 0.39 19.31 -1.84
N LEU A 340 0.48 17.99 -1.99
CA LEU A 340 1.79 17.35 -2.12
C LEU A 340 2.40 17.69 -3.48
N ILE A 341 1.62 17.59 -4.53
CA ILE A 341 2.11 17.94 -5.85
C ILE A 341 2.58 19.40 -5.90
N ALA A 342 1.84 20.30 -5.26
CA ALA A 342 2.24 21.71 -5.23
C ALA A 342 3.59 21.91 -4.51
N GLU A 343 3.79 21.19 -3.42
CA GLU A 343 5.05 21.27 -2.68
C GLU A 343 6.21 20.78 -3.55
N LEU A 344 5.99 19.69 -4.28
CA LEU A 344 7.01 19.18 -5.18
C LEU A 344 7.33 20.14 -6.32
N LEU A 345 6.30 20.79 -6.86
CA LEU A 345 6.52 21.85 -7.84
C LEU A 345 7.41 22.95 -7.26
N ASP A 346 7.13 23.35 -6.03
CA ASP A 346 7.91 24.40 -5.38
C ASP A 346 9.36 23.97 -5.18
N ARG A 347 9.57 22.66 -5.06
CA ARG A 347 10.92 22.10 -4.90
C ARG A 347 11.59 21.82 -6.24
N GLY A 348 10.94 22.16 -7.34
CA GLY A 348 11.56 22.06 -8.64
C GLY A 348 11.31 20.78 -9.41
N TRP A 349 10.39 19.95 -8.93
CA TRP A 349 10.02 18.75 -9.69
C TRP A 349 9.39 19.16 -11.01
N SER A 350 9.76 18.50 -12.10
CA SER A 350 9.22 18.84 -13.41
C SER A 350 7.85 18.23 -13.66
N GLN A 351 7.16 18.74 -14.67
CA GLN A 351 5.85 18.20 -14.99
C GLN A 351 5.95 16.73 -15.39
N SER A 352 7.00 16.36 -16.13
CA SER A 352 7.12 14.96 -16.52
C SER A 352 7.53 14.09 -15.33
N ASP A 353 8.34 14.63 -14.43
CA ASP A 353 8.67 13.92 -13.18
C ASP A 353 7.39 13.56 -12.46
N LEU A 354 6.50 14.55 -12.35
CA LEU A 354 5.29 14.40 -11.56
C LEU A 354 4.28 13.45 -12.24
N ALA A 355 4.24 13.45 -13.57
CA ALA A 355 3.37 12.52 -14.28
C ALA A 355 3.83 11.07 -14.10
N LYS A 356 5.13 10.86 -13.96
CA LYS A 356 5.68 9.54 -13.63
C LYS A 356 5.26 9.13 -12.22
N LEU A 357 5.46 10.04 -11.27
CA LEU A 357 5.12 9.81 -9.87
C LEU A 357 3.66 9.44 -9.70
N THR A 358 2.77 10.17 -10.37
CA THR A 358 1.36 9.96 -10.15
C THR A 358 0.81 8.78 -10.97
N TRP A 359 1.11 8.79 -12.26
CA TRP A 359 0.45 7.88 -13.21
C TRP A 359 1.36 6.89 -13.94
N LYS A 360 2.39 7.41 -14.60
CA LYS A 360 3.06 6.62 -15.63
C LYS A 360 3.85 5.45 -15.05
N ASN A 361 4.46 5.64 -13.89
CA ASN A 361 5.28 4.55 -13.34
C ASN A 361 4.42 3.35 -12.99
N ALA A 362 3.29 3.60 -12.33
CA ALA A 362 2.38 2.53 -11.94
C ALA A 362 1.86 1.75 -13.15
N VAL A 363 1.51 2.45 -14.22
CA VAL A 363 1.02 1.75 -15.41
C VAL A 363 2.13 0.93 -16.05
N ARG A 364 3.34 1.47 -16.10
CA ARG A 364 4.47 0.73 -16.65
C ARG A 364 4.71 -0.56 -15.88
N VAL A 365 4.66 -0.45 -14.56
CA VAL A 365 4.98 -1.58 -13.70
C VAL A 365 3.94 -2.70 -13.85
N LEU A 366 2.66 -2.34 -13.91
CA LEU A 366 1.64 -3.38 -14.09
C LEU A 366 1.77 -4.00 -15.48
N ASP A 367 2.03 -3.18 -16.49
CA ASP A 367 2.24 -3.72 -17.83
C ASP A 367 3.43 -4.69 -17.84
N ALA A 368 4.49 -4.35 -17.11
CA ALA A 368 5.66 -5.22 -17.04
C ALA A 368 5.31 -6.55 -16.41
N ALA A 369 4.51 -6.52 -15.34
CA ALA A 369 4.08 -7.77 -14.71
C ALA A 369 3.32 -8.64 -15.72
N GLU A 370 2.47 -8.02 -16.53
CA GLU A 370 1.71 -8.75 -17.54
C GLU A 370 2.65 -9.36 -18.57
N ASP A 371 3.66 -8.59 -18.95
CA ASP A 371 4.61 -9.04 -19.96
C ASP A 371 5.42 -10.24 -19.46
N VAL A 372 5.89 -10.16 -18.22
CA VAL A 372 6.64 -11.26 -17.62
C VAL A 372 5.75 -12.50 -17.52
N SER A 373 4.50 -12.29 -17.12
CA SER A 373 3.53 -13.38 -17.02
C SER A 373 3.26 -14.06 -18.37
N ARG A 374 3.17 -13.29 -19.45
CA ARG A 374 2.99 -13.92 -20.76
C ARG A 374 4.10 -14.91 -21.05
N GLY A 375 5.34 -14.53 -20.74
CA GLY A 375 6.47 -15.39 -21.04
C GLY A 375 6.44 -16.64 -20.17
N LEU A 376 6.19 -16.45 -18.88
CA LEU A 376 6.21 -17.59 -17.97
C LEU A 376 5.02 -18.54 -18.19
N ARG A 377 3.85 -18.02 -18.51
CA ARG A 377 2.69 -18.88 -18.76
C ARG A 377 2.91 -19.74 -20.00
N ALA A 378 3.61 -19.19 -21.00
CA ALA A 378 3.92 -19.93 -22.21
C ALA A 378 5.00 -20.97 -21.96
N ALA A 379 5.87 -20.73 -20.97
CA ALA A 379 7.06 -21.56 -20.77
C ALA A 379 6.81 -22.78 -19.90
N ARG A 380 5.83 -22.70 -19.00
CA ARG A 380 5.60 -23.80 -18.06
C ARG A 380 4.19 -23.71 -17.52
N GLY A 381 3.74 -24.80 -16.90
CA GLY A 381 2.46 -24.79 -16.21
C GLY A 381 2.59 -24.26 -14.79
N PRO A 382 1.46 -24.09 -14.11
CA PRO A 382 1.41 -23.59 -12.73
C PRO A 382 2.05 -24.60 -11.78
N SER A 383 2.54 -24.10 -10.66
CA SER A 383 3.14 -24.98 -9.65
C SER A 383 2.11 -25.64 -8.79
N ASN A 384 2.40 -26.90 -8.47
CA ASN A 384 1.60 -27.71 -7.59
C ASN A 384 2.33 -27.96 -6.27
N ALA A 385 3.40 -27.22 -6.01
CA ALA A 385 4.23 -27.48 -4.84
C ALA A 385 3.53 -27.13 -3.53
N THR A 386 3.88 -27.84 -2.46
CA THR A 386 3.33 -27.56 -1.14
C THR A 386 4.43 -27.02 -0.22
N ILE A 387 4.01 -26.40 0.87
CA ILE A 387 4.97 -25.87 1.82
C ILE A 387 5.73 -27.00 2.54
N GLU A 388 5.08 -28.13 2.75
CA GLU A 388 5.77 -29.26 3.35
C GLU A 388 6.86 -29.80 2.43
N GLN A 389 6.56 -29.85 1.14
CA GLN A 389 7.54 -30.31 0.16
C GLN A 389 8.78 -29.43 0.14
N LEU A 390 8.57 -28.11 0.17
CA LEU A 390 9.68 -27.19 -0.01
C LEU A 390 10.36 -26.76 1.28
N ASP A 391 9.60 -26.67 2.36
CA ASP A 391 10.15 -26.19 3.63
C ASP A 391 10.33 -27.30 4.66
N GLY A 392 9.82 -28.48 4.37
CA GLY A 392 9.89 -29.59 5.30
C GLY A 392 8.71 -29.60 6.25
N THR A 393 8.51 -30.73 6.92
CA THR A 393 7.41 -30.86 7.87
C THR A 393 7.41 -29.71 8.87
#